data_2OX7
#
_entry.id   2OX7
#
_cell.length_a   64.346
_cell.length_b   70.376
_cell.length_c   150.914
_cell.angle_alpha   90.00
_cell.angle_beta   90.00
_cell.angle_gamma   90.00
#
_symmetry.space_group_name_H-M   'P 21 21 21'
#
loop_
_entity.id
_entity.type
_entity.pdbx_description
1 polymer 'Hypothetical protein'
2 water water
#
_entity_poly.entity_id   1
_entity_poly.type   'polypeptide(L)'
_entity_poly.pdbx_seq_one_letter_code
;MSLIPKFRAWDTYEKE(MSE)LENVTPLFDDSNS(MSE)IAIITDFQIKGSPGTSEIEIGSYDTTFNWDEFPYVI(MSE)
QSTGLKDKNGVEIFEGDILVYDAPKKYAHRRS(MSE)HEIAYADGRFFWEFLDLVFCQSNILYRDGYLVIGNIHENPELL
EGNEGHHHHHH
;
_entity_poly.pdbx_strand_id   A,B,C,D
#
# COMPACT_ATOMS: atom_id res chain seq x y z
N SER A 2 -0.06 11.64 12.13
CA SER A 2 1.16 12.05 12.90
C SER A 2 1.87 10.86 13.53
N LEU A 3 3.13 11.06 13.92
CA LEU A 3 3.91 10.01 14.55
C LEU A 3 4.85 10.64 15.55
N ILE A 4 4.73 10.30 16.84
CA ILE A 4 5.66 10.80 17.85
C ILE A 4 6.98 10.06 17.65
N PRO A 5 8.08 10.78 17.39
CA PRO A 5 9.37 10.05 17.22
C PRO A 5 9.89 9.46 18.54
N LYS A 6 10.05 8.15 18.51
CA LYS A 6 10.52 7.43 19.65
C LYS A 6 11.52 6.44 19.11
N PHE A 7 12.69 6.36 19.75
CA PHE A 7 13.78 5.54 19.25
C PHE A 7 14.34 4.61 20.30
N ARG A 8 14.80 3.45 19.84
CA ARG A 8 15.62 2.54 20.65
C ARG A 8 16.91 2.25 19.89
N ALA A 9 17.93 1.78 20.61
CA ALA A 9 19.23 1.54 20.00
C ALA A 9 19.84 0.24 20.50
N TRP A 10 20.37 -0.53 19.58
CA TRP A 10 21.05 -1.78 19.92
C TRP A 10 22.51 -1.40 19.93
N ASP A 11 23.15 -1.61 21.09
CA ASP A 11 24.58 -1.38 21.25
C ASP A 11 25.26 -2.68 20.87
N THR A 12 25.97 -2.68 19.75
CA THR A 12 26.52 -3.91 19.19
C THR A 12 27.93 -4.19 19.70
N TYR A 13 28.32 -3.49 20.77
CA TYR A 13 29.58 -3.77 21.41
C TYR A 13 29.25 -4.42 22.74
N GLU A 14 28.36 -3.78 23.48
CA GLU A 14 27.89 -4.27 24.76
C GLU A 14 26.78 -5.31 24.66
N LYS A 15 26.19 -5.44 23.47
CA LYS A 15 25.07 -6.38 23.22
C LYS A 15 23.91 -6.12 24.17
N GLU A 16 23.41 -4.88 24.20
CA GLU A 16 22.29 -4.47 25.02
C GLU A 16 21.36 -3.58 24.18
N MSE A 17 20.06 -3.63 24.46
CA MSE A 17 19.08 -2.69 23.87
C MSE A 17 18.90 -1.51 24.80
O MSE A 17 18.62 -1.68 25.98
CB MSE A 17 17.73 -3.36 23.64
CG MSE A 17 16.71 -2.48 22.88
SE MSE A 17 17.24 -2.35 21.02
CE MSE A 17 16.72 -4.17 20.38
N LEU A 18 19.02 -0.31 24.26
CA LEU A 18 18.79 0.89 25.02
C LEU A 18 17.47 1.47 24.63
N GLU A 19 16.60 1.75 25.61
CA GLU A 19 15.29 2.31 25.31
C GLU A 19 15.29 3.82 25.33
N ASN A 20 14.36 4.41 24.57
CA ASN A 20 14.04 5.81 24.65
C ASN A 20 15.25 6.71 24.54
N VAL A 21 16.03 6.50 23.49
CA VAL A 21 17.25 7.29 23.19
C VAL A 21 16.96 8.45 22.23
N THR A 22 17.86 9.45 22.22
CA THR A 22 17.76 10.53 21.24
C THR A 22 18.98 10.47 20.34
N PRO A 23 18.80 10.08 19.07
CA PRO A 23 19.93 9.96 18.15
C PRO A 23 20.31 11.33 17.59
N LEU A 24 21.61 11.60 17.48
CA LEU A 24 22.06 12.90 16.98
C LEU A 24 22.82 12.72 15.68
N PHE A 25 22.38 13.43 14.63
CA PHE A 25 22.95 13.29 13.30
C PHE A 25 23.64 14.57 12.86
N ASP A 26 24.66 14.44 12.05
CA ASP A 26 25.18 15.63 11.40
C ASP A 26 24.27 15.89 10.21
N ASP A 27 24.65 16.81 9.32
CA ASP A 27 23.81 17.12 8.15
C ASP A 27 24.03 16.20 6.95
N SER A 28 25.00 15.29 7.07
CA SER A 28 25.27 14.29 6.04
C SER A 28 24.53 12.98 6.33
N ASN A 29 23.67 12.98 7.34
CA ASN A 29 22.88 11.80 7.71
C ASN A 29 23.67 10.67 8.39
N SER A 30 24.78 11.02 9.03
CA SER A 30 25.52 10.05 9.83
C SER A 30 25.23 10.32 11.29
N MSE A 31 24.86 9.28 12.02
CA MSE A 31 24.70 9.41 13.47
C MSE A 31 26.07 9.54 14.10
O MSE A 31 26.93 8.66 13.94
CB MSE A 31 23.96 8.24 14.06
CG MSE A 31 23.63 8.43 15.52
SE MSE A 31 22.70 6.94 16.29
CE MSE A 31 23.77 5.45 15.60
N ILE A 32 26.26 10.64 14.82
CA ILE A 32 27.57 10.94 15.41
C ILE A 32 27.52 10.97 16.94
N ALA A 33 26.31 10.97 17.50
CA ALA A 33 26.15 10.91 18.95
C ALA A 33 24.84 10.25 19.34
N ILE A 34 24.76 9.85 20.60
CA ILE A 34 23.53 9.37 21.16
C ILE A 34 23.37 9.86 22.59
N ILE A 35 22.22 10.44 22.87
CA ILE A 35 21.82 10.77 24.23
C ILE A 35 20.90 9.68 24.76
N THR A 36 21.32 9.03 25.83
CA THR A 36 20.50 7.99 26.45
C THR A 36 19.64 8.51 27.62
N ASP A 37 20.12 9.57 28.29
CA ASP A 37 19.36 10.26 29.36
C ASP A 37 19.64 11.75 29.33
N PHE A 38 18.62 12.54 29.59
CA PHE A 38 18.79 13.98 29.78
C PHE A 38 17.71 14.51 30.72
N GLN A 39 17.98 15.66 31.33
CA GLN A 39 16.92 16.40 31.99
C GLN A 39 17.09 17.88 31.72
N ILE A 40 16.01 18.64 31.85
CA ILE A 40 16.07 20.08 31.69
C ILE A 40 16.19 20.75 33.07
N LYS A 41 17.15 21.67 33.19
CA LYS A 41 17.47 22.32 34.47
C LYS A 41 17.53 23.83 34.33
N GLY A 42 17.42 24.55 35.46
CA GLY A 42 17.64 26.00 35.49
C GLY A 42 16.39 26.88 35.56
N SER A 43 16.62 28.19 35.66
CA SER A 43 15.57 29.21 35.72
C SER A 43 14.79 29.33 34.41
N PRO A 44 13.46 29.22 34.47
CA PRO A 44 12.61 29.63 33.35
C PRO A 44 13.11 30.89 32.66
N GLY A 45 13.20 30.85 31.33
CA GLY A 45 13.82 31.93 30.56
C GLY A 45 15.33 31.78 30.49
N THR A 46 15.89 30.92 31.36
CA THR A 46 17.35 30.71 31.46
C THR A 46 17.61 29.24 31.78
N SER A 47 17.08 28.35 30.95
CA SER A 47 17.10 26.90 31.20
C SER A 47 18.09 26.16 30.32
N GLU A 48 18.43 24.93 30.72
CA GLU A 48 19.47 24.16 30.04
C GLU A 48 19.16 22.67 29.89
N ILE A 49 19.73 22.06 28.86
CA ILE A 49 19.68 20.64 28.68
C ILE A 49 20.86 20.01 29.37
N GLU A 50 20.62 19.25 30.43
CA GLU A 50 21.70 18.54 31.08
C GLU A 50 21.74 17.11 30.58
N ILE A 51 22.79 16.80 29.82
CA ILE A 51 22.95 15.49 29.22
C ILE A 51 23.54 14.51 30.23
N GLY A 52 22.73 13.51 30.59
CA GLY A 52 23.18 12.43 31.46
C GLY A 52 24.02 11.45 30.68
N SER A 53 23.50 10.25 30.48
CA SER A 53 24.20 9.25 29.71
C SER A 53 24.26 9.60 28.22
N TYR A 54 25.39 9.32 27.60
CA TYR A 54 25.59 9.61 26.20
C TYR A 54 26.77 8.83 25.64
N ASP A 55 26.95 8.91 24.33
CA ASP A 55 28.15 8.43 23.67
C ASP A 55 28.33 9.16 22.35
N THR A 56 29.56 9.26 21.87
CA THR A 56 29.79 9.92 20.58
C THR A 56 30.71 9.12 19.68
N THR A 57 30.75 9.48 18.40
CA THR A 57 31.49 8.71 17.42
C THR A 57 33.01 8.94 17.51
N PHE A 58 33.39 9.95 18.28
CA PHE A 58 34.80 10.27 18.57
C PHE A 58 35.50 9.01 19.10
N ASN A 59 34.83 8.33 20.03
CA ASN A 59 35.41 7.20 20.77
C ASN A 59 35.46 5.90 19.99
N TRP A 60 35.09 5.94 18.71
CA TRP A 60 34.86 4.71 17.95
C TRP A 60 35.31 4.79 16.51
N ASP A 61 35.88 3.68 16.03
CA ASP A 61 36.18 3.53 14.63
C ASP A 61 34.85 3.44 13.87
N GLU A 62 33.95 2.58 14.35
CA GLU A 62 32.57 2.53 13.87
C GLU A 62 31.64 2.61 15.07
N PHE A 63 30.81 3.65 15.08
CA PHE A 63 29.86 3.91 16.15
C PHE A 63 28.94 2.69 16.28
N PRO A 64 28.98 2.00 17.43
CA PRO A 64 28.39 0.65 17.53
C PRO A 64 26.91 0.66 17.94
N TYR A 65 26.14 1.63 17.45
CA TYR A 65 24.73 1.74 17.82
C TYR A 65 23.88 1.68 16.57
N VAL A 66 22.80 0.89 16.64
CA VAL A 66 21.89 0.72 15.51
C VAL A 66 20.55 1.28 15.97
N ILE A 67 20.06 2.32 15.29
CA ILE A 67 18.81 2.99 15.72
C ILE A 67 17.59 2.36 15.02
N MSE A 68 16.48 2.30 15.78
CA MSE A 68 15.21 1.78 15.28
C MSE A 68 14.13 2.69 15.79
O MSE A 68 14.17 3.11 16.96
CB MSE A 68 14.95 0.34 15.77
CG MSE A 68 15.88 -0.70 15.15
SE MSE A 68 16.01 -2.27 16.34
CE MSE A 68 17.59 -1.68 17.39
N GLN A 69 13.14 3.01 14.94
CA GLN A 69 12.12 3.95 15.33
C GLN A 69 10.82 3.23 15.60
N SER A 70 10.04 3.76 16.52
CA SER A 70 8.66 3.26 16.70
C SER A 70 7.79 3.50 15.48
N THR A 71 7.00 2.49 15.13
CA THR A 71 6.02 2.64 14.01
C THR A 71 4.80 3.43 14.42
N GLY A 72 4.62 3.63 15.72
CA GLY A 72 3.37 4.23 16.24
C GLY A 72 2.26 3.22 16.38
N LEU A 73 2.49 1.98 15.95
CA LEU A 73 1.42 0.98 16.03
C LEU A 73 1.66 0.08 17.22
N LYS A 74 0.58 -0.49 17.75
CA LYS A 74 0.63 -1.37 18.93
C LYS A 74 0.31 -2.82 18.54
N ASP A 75 0.92 -3.78 19.24
CA ASP A 75 0.46 -5.17 19.07
C ASP A 75 -0.78 -5.48 19.93
N LYS A 76 -1.20 -6.74 19.88
CA LYS A 76 -2.37 -7.22 20.61
C LYS A 76 -2.28 -6.98 22.13
N ASN A 77 -1.05 -6.91 22.66
CA ASN A 77 -0.85 -6.61 24.09
C ASN A 77 -0.63 -5.12 24.37
N GLY A 78 -0.85 -4.24 23.39
CA GLY A 78 -0.58 -2.81 23.58
C GLY A 78 0.86 -2.39 23.61
N VAL A 79 1.74 -3.29 23.15
CA VAL A 79 3.19 -3.03 23.07
C VAL A 79 3.51 -2.27 21.78
N GLU A 80 4.32 -1.23 21.89
CA GLU A 80 4.64 -0.38 20.73
C GLU A 80 5.55 -1.20 19.83
N ILE A 81 5.24 -1.23 18.54
CA ILE A 81 5.98 -2.03 17.55
C ILE A 81 7.05 -1.14 16.92
N PHE A 82 8.31 -1.58 16.98
CA PHE A 82 9.44 -0.84 16.40
C PHE A 82 9.98 -1.54 15.16
N GLU A 83 10.70 -0.78 14.34
CA GLU A 83 11.52 -1.42 13.32
C GLU A 83 12.38 -2.49 14.00
N GLY A 84 12.62 -3.59 13.29
CA GLY A 84 13.45 -4.70 13.83
C GLY A 84 12.69 -5.71 14.68
N ASP A 85 11.48 -5.34 15.13
CA ASP A 85 10.66 -6.32 15.84
C ASP A 85 10.26 -7.48 14.98
N ILE A 86 9.97 -8.61 15.64
CA ILE A 86 9.46 -9.81 14.97
C ILE A 86 8.08 -10.15 15.52
N LEU A 87 7.08 -10.23 14.62
CA LEU A 87 5.69 -10.46 15.05
C LEU A 87 5.23 -11.85 14.66
N VAL A 88 4.36 -12.43 15.47
CA VAL A 88 3.71 -13.68 15.11
C VAL A 88 2.22 -13.55 15.23
N TYR A 89 1.50 -14.28 14.38
CA TYR A 89 0.05 -14.36 14.48
C TYR A 89 -0.35 -15.27 15.66
N ASP A 90 -1.21 -14.76 16.53
CA ASP A 90 -1.42 -15.37 17.84
C ASP A 90 -2.51 -16.46 17.76
N ALA A 91 -2.34 -17.37 16.82
CA ALA A 91 -3.27 -18.51 16.68
C ALA A 91 -2.94 -19.49 17.79
N PRO A 92 -3.93 -20.30 18.23
CA PRO A 92 -3.65 -21.27 19.31
C PRO A 92 -2.44 -22.14 18.90
N LYS A 93 -1.49 -22.28 19.82
CA LYS A 93 -0.26 -23.03 19.54
C LYS A 93 -0.51 -24.54 19.54
N LYS A 94 -0.03 -25.21 18.50
CA LYS A 94 -0.16 -26.67 18.44
C LYS A 94 1.21 -27.32 18.51
N TYR A 95 1.24 -28.54 19.02
CA TYR A 95 2.48 -29.29 19.17
C TYR A 95 3.34 -29.38 17.89
N ALA A 96 4.61 -28.99 18.01
CA ALA A 96 5.61 -29.15 16.95
C ALA A 96 5.27 -28.40 15.68
N HIS A 97 4.36 -27.42 15.80
CA HIS A 97 4.10 -26.51 14.68
C HIS A 97 4.48 -25.08 15.09
N ARG A 98 5.49 -24.52 14.43
CA ARG A 98 5.89 -23.15 14.75
C ARG A 98 5.02 -22.14 14.02
N ARG A 99 4.60 -21.08 14.70
CA ARG A 99 3.80 -20.05 14.05
C ARG A 99 4.72 -19.22 13.16
N SER A 100 4.20 -18.65 12.07
CA SER A 100 5.07 -17.95 11.12
C SER A 100 5.41 -16.56 11.63
N MSE A 101 6.62 -16.13 11.36
CA MSE A 101 7.16 -14.90 11.98
C MSE A 101 7.48 -13.90 10.90
O MSE A 101 7.87 -14.29 9.80
CB MSE A 101 8.42 -15.25 12.77
CG MSE A 101 8.10 -16.06 13.97
SE MSE A 101 9.68 -16.68 14.86
CE MSE A 101 8.72 -17.78 16.11
N HIS A 102 7.33 -12.62 11.21
CA HIS A 102 7.63 -11.62 10.23
C HIS A 102 8.30 -10.43 10.89
N GLU A 103 9.39 -10.01 10.31
CA GLU A 103 10.19 -8.87 10.76
C GLU A 103 9.59 -7.54 10.28
N ILE A 104 9.64 -6.52 11.12
CA ILE A 104 9.20 -5.19 10.74
C ILE A 104 10.36 -4.43 10.12
N ALA A 105 10.10 -3.84 8.95
CA ALA A 105 11.11 -2.99 8.33
C ALA A 105 10.48 -1.69 7.81
N TYR A 106 11.33 -0.72 7.40
CA TYR A 106 10.85 0.46 6.70
C TYR A 106 11.49 0.49 5.32
N ALA A 107 10.71 0.83 4.30
CA ALA A 107 11.33 1.09 2.98
C ALA A 107 10.41 1.94 2.18
N ASP A 108 10.99 2.97 1.55
CA ASP A 108 10.29 3.68 0.47
C ASP A 108 8.92 4.20 0.90
N GLY A 109 8.88 4.91 2.01
CA GLY A 109 7.63 5.56 2.44
C GLY A 109 6.77 4.84 3.47
N ARG A 110 7.03 3.57 3.77
CA ARG A 110 6.15 2.84 4.74
C ARG A 110 6.92 1.85 5.58
N PHE A 111 6.36 1.57 6.76
CA PHE A 111 6.73 0.42 7.54
C PHE A 111 5.93 -0.78 7.01
N PHE A 112 6.52 -1.95 7.14
CA PHE A 112 5.83 -3.16 6.69
C PHE A 112 6.40 -4.38 7.38
N TRP A 113 5.60 -5.46 7.38
CA TRP A 113 6.06 -6.75 7.87
C TRP A 113 6.52 -7.57 6.69
N GLU A 114 7.71 -8.12 6.83
CA GLU A 114 8.38 -8.81 5.73
C GLU A 114 7.79 -10.15 5.44
N PHE A 115 7.50 -10.40 4.16
CA PHE A 115 7.00 -11.71 3.71
C PHE A 115 5.58 -11.97 4.20
N LEU A 116 4.78 -10.91 4.23
CA LEU A 116 3.38 -11.08 4.57
C LEU A 116 2.58 -10.13 3.69
N ASP A 117 1.65 -10.73 2.94
CA ASP A 117 0.86 -10.04 1.94
C ASP A 117 -0.38 -9.46 2.59
N LEU A 118 -0.16 -8.57 3.55
CA LEU A 118 -1.26 -7.87 4.26
C LEU A 118 -0.79 -6.45 4.38
N VAL A 119 -1.71 -5.52 4.35
CA VAL A 119 -1.41 -4.14 4.61
C VAL A 119 -0.99 -4.08 6.08
N PHE A 120 0.19 -3.55 6.33
CA PHE A 120 0.62 -3.35 7.72
C PHE A 120 -0.05 -2.08 8.23
N CYS A 121 -1.08 -2.28 9.06
CA CYS A 121 -1.83 -1.17 9.63
C CYS A 121 -2.43 -1.65 10.98
N GLN A 122 -2.90 -0.72 11.78
CA GLN A 122 -3.32 -1.09 13.14
C GLN A 122 -4.44 -2.13 13.13
N SER A 123 -5.41 -1.97 12.24
CA SER A 123 -6.56 -2.89 12.28
C SER A 123 -6.14 -4.30 11.83
N ASN A 124 -5.21 -4.41 10.87
CA ASN A 124 -4.71 -5.76 10.50
C ASN A 124 -3.88 -6.42 11.59
N ILE A 125 -3.17 -5.60 12.34
CA ILE A 125 -2.39 -6.15 13.48
C ILE A 125 -3.33 -6.81 14.51
N LEU A 126 -4.53 -6.24 14.67
CA LEU A 126 -5.44 -6.67 15.73
C LEU A 126 -6.55 -7.60 15.28
N TYR A 127 -6.67 -7.79 13.98
CA TYR A 127 -7.84 -8.49 13.39
C TYR A 127 -7.79 -9.97 13.77
N ARG A 128 -8.96 -10.55 14.01
CA ARG A 128 -9.04 -12.00 14.31
C ARG A 128 -8.08 -12.35 15.46
N ASP A 129 -7.13 -13.25 15.27
CA ASP A 129 -6.28 -13.62 16.44
C ASP A 129 -5.22 -12.56 16.78
N GLY A 130 -4.97 -11.64 15.84
CA GLY A 130 -4.05 -10.54 16.15
C GLY A 130 -2.59 -11.00 16.14
N TYR A 131 -1.68 -10.04 16.23
CA TYR A 131 -0.20 -10.29 16.17
C TYR A 131 0.42 -9.84 17.47
N LEU A 132 1.52 -10.51 17.83
CA LEU A 132 2.26 -10.18 19.03
C LEU A 132 3.74 -10.04 18.72
N VAL A 133 4.40 -9.06 19.35
CA VAL A 133 5.86 -8.92 19.24
C VAL A 133 6.49 -10.03 20.11
N ILE A 134 7.33 -10.86 19.52
CA ILE A 134 7.95 -11.93 20.30
C ILE A 134 9.50 -11.86 20.34
N GLY A 135 10.02 -10.74 19.90
CA GLY A 135 11.47 -10.49 19.92
C GLY A 135 11.87 -9.53 18.82
N ASN A 136 13.18 -9.44 18.60
CA ASN A 136 13.66 -8.59 17.54
C ASN A 136 14.93 -9.22 16.97
N ILE A 137 15.31 -8.71 15.82
CA ILE A 137 16.38 -9.29 15.02
C ILE A 137 17.76 -9.17 15.69
N HIS A 138 17.90 -8.26 16.65
CA HIS A 138 19.21 -8.01 17.27
C HIS A 138 19.40 -8.86 18.51
N GLU A 139 18.40 -8.82 19.40
CA GLU A 139 18.44 -9.58 20.64
C GLU A 139 18.19 -11.04 20.41
N ASN A 140 17.52 -11.35 19.29
CA ASN A 140 17.06 -12.70 18.97
C ASN A 140 17.40 -13.07 17.53
N PRO A 141 18.70 -13.02 17.18
CA PRO A 141 19.21 -13.05 15.80
C PRO A 141 19.03 -14.39 15.08
N GLU A 142 18.72 -15.45 15.82
CA GLU A 142 18.46 -16.76 15.23
C GLU A 142 16.98 -17.04 15.14
N LEU A 143 16.17 -16.12 15.67
CA LEU A 143 14.74 -16.38 15.82
C LEU A 143 14.03 -16.65 14.49
N LEU A 144 14.35 -15.86 13.46
CA LEU A 144 13.76 -16.10 12.15
C LEU A 144 14.28 -17.42 11.57
N GLU A 145 15.50 -17.78 11.99
CA GLU A 145 16.18 -19.08 11.72
C GLU A 145 17.06 -19.08 10.48
N SER B 2 -9.23 2.14 -13.41
CA SER B 2 -10.18 1.26 -14.12
C SER B 2 -9.40 -0.01 -14.29
N LEU B 3 -10.10 -1.12 -14.55
CA LEU B 3 -9.44 -2.40 -14.85
C LEU B 3 -10.31 -3.16 -15.86
N ILE B 4 -9.78 -3.41 -17.05
CA ILE B 4 -10.51 -4.21 -18.04
C ILE B 4 -10.34 -5.68 -17.65
N PRO B 5 -11.44 -6.44 -17.45
CA PRO B 5 -11.31 -7.84 -17.03
C PRO B 5 -10.80 -8.73 -18.15
N LYS B 6 -9.63 -9.33 -17.93
CA LYS B 6 -9.08 -10.19 -18.96
C LYS B 6 -8.55 -11.42 -18.23
N PHE B 7 -8.81 -12.63 -18.77
CA PHE B 7 -8.45 -13.84 -18.07
C PHE B 7 -7.70 -14.77 -19.01
N ARG B 8 -6.77 -15.52 -18.44
CA ARG B 8 -6.13 -16.68 -19.15
C ARG B 8 -6.39 -17.91 -18.29
N ALA B 9 -6.31 -19.13 -18.87
CA ALA B 9 -6.50 -20.34 -18.08
C ALA B 9 -5.37 -21.34 -18.39
N TRP B 10 -4.85 -21.98 -17.35
CA TRP B 10 -3.89 -23.07 -17.52
C TRP B 10 -4.75 -24.32 -17.53
N ASP B 11 -4.66 -25.07 -18.63
CA ASP B 11 -5.30 -26.35 -18.74
C ASP B 11 -4.31 -27.40 -18.20
N THR B 12 -4.65 -27.94 -17.04
CA THR B 12 -3.73 -28.77 -16.25
C THR B 12 -3.67 -30.16 -16.79
N TYR B 13 -4.63 -30.50 -17.65
CA TYR B 13 -4.67 -31.86 -18.22
C TYR B 13 -3.88 -31.88 -19.54
N GLU B 14 -4.17 -30.92 -20.41
CA GLU B 14 -3.46 -30.75 -21.67
C GLU B 14 -2.11 -30.02 -21.56
N LYS B 15 -1.86 -29.38 -20.42
CA LYS B 15 -0.63 -28.59 -20.20
C LYS B 15 -0.51 -27.49 -21.24
N GLU B 16 -1.51 -26.62 -21.28
CA GLU B 16 -1.55 -25.59 -22.32
C GLU B 16 -2.07 -24.34 -21.65
N MSE B 17 -1.46 -23.19 -21.95
CA MSE B 17 -2.03 -21.89 -21.52
C MSE B 17 -3.02 -21.36 -22.56
O MSE B 17 -2.65 -21.13 -23.72
CB MSE B 17 -0.93 -20.87 -21.23
CG MSE B 17 -1.45 -19.55 -20.59
SE MSE B 17 -1.99 -19.83 -18.76
CE MSE B 17 -0.24 -19.80 -17.90
N LEU B 18 -4.25 -21.13 -22.15
CA LEU B 18 -5.31 -20.60 -23.01
C LEU B 18 -5.44 -19.09 -22.75
N GLU B 19 -5.29 -18.27 -23.79
CA GLU B 19 -5.44 -16.80 -23.60
C GLU B 19 -6.85 -16.33 -23.90
N ASN B 20 -7.23 -15.15 -23.37
CA ASN B 20 -8.51 -14.56 -23.66
C ASN B 20 -9.67 -15.50 -23.45
N VAL B 21 -9.76 -16.08 -22.26
CA VAL B 21 -10.90 -16.94 -21.96
C VAL B 21 -11.96 -16.20 -21.19
N THR B 22 -13.17 -16.76 -21.19
CA THR B 22 -14.30 -16.21 -20.41
C THR B 22 -14.77 -17.27 -19.41
N PRO B 23 -14.45 -17.09 -18.12
CA PRO B 23 -14.92 -18.00 -17.08
C PRO B 23 -16.38 -17.74 -16.74
N LEU B 24 -17.13 -18.81 -16.52
CA LEU B 24 -18.54 -18.71 -16.16
C LEU B 24 -18.79 -19.29 -14.79
N PHE B 25 -19.40 -18.50 -13.91
CA PHE B 25 -19.61 -18.90 -12.53
C PHE B 25 -21.08 -19.12 -12.18
N ASP B 26 -21.34 -20.04 -11.26
CA ASP B 26 -22.67 -20.16 -10.66
C ASP B 26 -22.82 -18.99 -9.67
N ASP B 27 -24.01 -18.78 -9.12
CA ASP B 27 -24.27 -17.62 -8.28
C ASP B 27 -23.50 -17.71 -6.96
N SER B 28 -22.94 -18.89 -6.72
CA SER B 28 -22.23 -19.20 -5.48
C SER B 28 -20.71 -19.22 -5.62
N ASN B 29 -20.17 -18.42 -6.54
CA ASN B 29 -18.72 -18.16 -6.62
C ASN B 29 -17.86 -19.36 -7.05
N SER B 30 -18.49 -20.35 -7.67
CA SER B 30 -17.78 -21.53 -8.13
C SER B 30 -17.77 -21.60 -9.67
N MSE B 31 -16.62 -21.87 -10.29
CA MSE B 31 -16.57 -21.88 -11.75
C MSE B 31 -17.27 -23.12 -12.28
O MSE B 31 -16.99 -24.22 -11.79
CB MSE B 31 -15.17 -21.79 -12.31
CG MSE B 31 -15.12 -21.92 -13.81
SE MSE B 31 -13.43 -21.39 -14.64
CE MSE B 31 -12.22 -22.57 -13.59
N ILE B 32 -18.19 -22.94 -13.22
CA ILE B 32 -18.95 -24.09 -13.76
C ILE B 32 -18.70 -24.34 -15.26
N ALA B 33 -18.19 -23.33 -15.96
CA ALA B 33 -17.84 -23.46 -17.35
C ALA B 33 -16.83 -22.44 -17.77
N ILE B 34 -16.32 -22.65 -18.95
CA ILE B 34 -15.36 -21.76 -19.59
C ILE B 34 -15.57 -21.70 -21.08
N ILE B 35 -15.62 -20.47 -21.60
CA ILE B 35 -15.61 -20.24 -23.04
C ILE B 35 -14.21 -19.88 -23.50
N THR B 36 -13.63 -20.71 -24.36
CA THR B 36 -12.29 -20.44 -24.85
C THR B 36 -12.25 -19.71 -26.18
N ASP B 37 -13.35 -19.76 -26.93
CA ASP B 37 -13.48 -19.02 -28.19
C ASP B 37 -14.93 -18.75 -28.48
N PHE B 38 -15.21 -17.54 -28.97
CA PHE B 38 -16.55 -17.22 -29.45
C PHE B 38 -16.45 -16.13 -30.52
N GLN B 39 -17.57 -15.94 -31.20
CA GLN B 39 -17.73 -14.81 -32.09
C GLN B 39 -19.17 -14.31 -31.99
N ILE B 40 -19.37 -13.06 -32.41
CA ILE B 40 -20.71 -12.51 -32.45
C ILE B 40 -21.12 -12.59 -33.93
N LYS B 41 -22.33 -13.08 -34.15
CA LYS B 41 -22.87 -13.21 -35.51
C LYS B 41 -24.26 -12.58 -35.58
N GLY B 42 -24.71 -12.29 -36.81
CA GLY B 42 -26.08 -11.81 -37.00
C GLY B 42 -26.11 -10.35 -37.38
N SER B 43 -27.28 -9.76 -37.32
CA SER B 43 -27.44 -8.38 -37.76
C SER B 43 -27.93 -7.55 -36.61
N PRO B 44 -27.80 -6.22 -36.72
CA PRO B 44 -28.30 -5.35 -35.63
C PRO B 44 -29.71 -5.68 -35.22
N GLY B 45 -29.86 -6.01 -33.94
CA GLY B 45 -31.14 -6.31 -33.39
C GLY B 45 -31.44 -7.80 -33.30
N THR B 46 -30.72 -8.60 -34.08
CA THR B 46 -30.88 -10.06 -34.06
C THR B 46 -29.49 -10.65 -34.18
N SER B 47 -28.70 -10.37 -33.16
CA SER B 47 -27.36 -10.88 -33.08
C SER B 47 -27.30 -11.97 -32.01
N GLU B 48 -26.27 -12.80 -32.07
CA GLU B 48 -26.14 -13.91 -31.15
C GLU B 48 -24.67 -14.10 -30.80
N ILE B 49 -24.43 -14.74 -29.66
CA ILE B 49 -23.09 -15.15 -29.30
C ILE B 49 -22.95 -16.60 -29.79
N GLU B 50 -22.02 -16.83 -30.71
CA GLU B 50 -21.73 -18.18 -31.22
C GLU B 50 -20.50 -18.70 -30.47
N ILE B 51 -20.73 -19.63 -29.55
CA ILE B 51 -19.62 -20.22 -28.77
C ILE B 51 -18.91 -21.23 -29.66
N GLY B 52 -17.61 -21.02 -29.86
CA GLY B 52 -16.76 -21.83 -30.75
C GLY B 52 -16.20 -23.02 -30.02
N SER B 53 -15.48 -22.75 -28.92
CA SER B 53 -14.96 -23.80 -28.06
C SER B 53 -15.22 -23.48 -26.58
N TYR B 54 -15.49 -24.50 -25.78
CA TYR B 54 -15.87 -24.31 -24.39
C TYR B 54 -15.75 -25.65 -23.65
N ASP B 55 -15.86 -25.59 -22.33
CA ASP B 55 -15.93 -26.82 -21.53
C ASP B 55 -16.73 -26.52 -20.28
N THR B 56 -17.22 -27.57 -19.62
CA THR B 56 -18.03 -27.41 -18.39
C THR B 56 -17.59 -28.40 -17.31
N THR B 57 -17.87 -28.09 -16.04
CA THR B 57 -17.47 -28.96 -14.94
C THR B 57 -18.16 -30.31 -14.98
N PHE B 58 -19.31 -30.38 -15.66
CA PHE B 58 -20.02 -31.68 -15.77
C PHE B 58 -19.29 -32.65 -16.70
N ASN B 59 -18.36 -32.14 -17.50
CA ASN B 59 -17.54 -32.99 -18.37
C ASN B 59 -16.39 -33.70 -17.65
N TRP B 60 -16.14 -33.35 -16.40
CA TRP B 60 -14.90 -33.71 -15.68
C TRP B 60 -15.12 -34.10 -14.22
N ASP B 61 -14.36 -35.11 -13.76
CA ASP B 61 -14.29 -35.37 -12.33
C ASP B 61 -13.60 -34.24 -11.61
N GLU B 62 -12.53 -33.75 -12.23
CA GLU B 62 -11.72 -32.63 -11.72
C GLU B 62 -11.58 -31.66 -12.90
N PHE B 63 -12.29 -30.51 -12.83
CA PHE B 63 -12.24 -29.52 -13.92
C PHE B 63 -10.83 -28.97 -14.07
N PRO B 64 -10.17 -29.22 -15.21
CA PRO B 64 -8.73 -28.94 -15.32
C PRO B 64 -8.31 -27.51 -15.71
N TYR B 65 -9.15 -26.51 -15.44
CA TYR B 65 -8.77 -25.15 -15.83
C TYR B 65 -8.53 -24.32 -14.60
N VAL B 66 -7.43 -23.61 -14.59
CA VAL B 66 -7.10 -22.76 -13.44
C VAL B 66 -7.07 -21.34 -14.04
N ILE B 67 -7.94 -20.46 -13.51
CA ILE B 67 -8.06 -19.12 -14.09
C ILE B 67 -7.15 -18.10 -13.39
N MSE B 68 -6.64 -17.16 -14.17
CA MSE B 68 -5.78 -16.06 -13.74
C MSE B 68 -6.23 -14.76 -14.40
O MSE B 68 -6.44 -14.70 -15.62
CB MSE B 68 -4.32 -16.39 -14.08
CG MSE B 68 -3.73 -17.40 -13.14
SE MSE B 68 -2.22 -18.26 -14.16
CE MSE B 68 -3.26 -19.58 -15.18
N GLN B 69 -6.32 -13.69 -13.59
CA GLN B 69 -6.76 -12.41 -14.11
C GLN B 69 -5.57 -11.45 -14.40
N SER B 70 -5.71 -10.57 -15.41
CA SER B 70 -4.72 -9.53 -15.72
C SER B 70 -4.77 -8.48 -14.62
N THR B 71 -3.60 -8.01 -14.19
CA THR B 71 -3.48 -6.92 -13.19
C THR B 71 -3.73 -5.56 -13.84
N GLY B 72 -3.74 -5.54 -15.16
CA GLY B 72 -3.82 -4.29 -15.94
C GLY B 72 -2.51 -3.52 -16.02
N LEU B 73 -1.46 -4.05 -15.39
CA LEU B 73 -0.11 -3.44 -15.49
C LEU B 73 0.74 -4.19 -16.50
N LYS B 74 1.79 -3.50 -16.98
CA LYS B 74 2.69 -4.12 -18.00
C LYS B 74 4.13 -4.11 -17.50
N ASP B 75 4.94 -5.05 -17.99
CA ASP B 75 6.34 -5.09 -17.61
C ASP B 75 7.16 -4.16 -18.50
N LYS B 76 8.47 -4.16 -18.29
CA LYS B 76 9.35 -3.26 -19.02
C LYS B 76 9.28 -3.40 -20.52
N ASN B 77 8.93 -4.59 -21.01
CA ASN B 77 8.82 -4.86 -22.45
C ASN B 77 7.34 -4.76 -22.94
N GLY B 78 6.48 -4.20 -22.09
CA GLY B 78 5.08 -3.98 -22.44
C GLY B 78 4.16 -5.19 -22.37
N VAL B 79 4.62 -6.27 -21.72
CA VAL B 79 3.87 -7.52 -21.61
C VAL B 79 2.89 -7.37 -20.44
N GLU B 80 1.62 -7.64 -20.71
CA GLU B 80 0.56 -7.56 -19.66
C GLU B 80 0.85 -8.60 -18.56
N ILE B 81 0.88 -8.14 -17.31
CA ILE B 81 1.12 -8.98 -16.13
C ILE B 81 -0.18 -9.59 -15.55
N PHE B 82 -0.19 -10.91 -15.38
CA PHE B 82 -1.32 -11.65 -14.83
C PHE B 82 -0.96 -12.22 -13.46
N GLU B 83 -1.99 -12.52 -12.66
CA GLU B 83 -1.80 -13.37 -11.49
C GLU B 83 -1.05 -14.65 -11.95
N GLY B 84 -0.13 -15.09 -11.13
CA GLY B 84 0.65 -16.33 -11.45
C GLY B 84 1.91 -16.06 -12.25
N ASP B 85 2.03 -14.87 -12.85
CA ASP B 85 3.32 -14.51 -13.49
C ASP B 85 4.47 -14.45 -12.47
N ILE B 86 5.70 -14.60 -12.97
CA ILE B 86 6.87 -14.59 -12.13
C ILE B 86 7.79 -13.57 -12.77
N LEU B 87 8.15 -12.54 -12.02
CA LEU B 87 8.95 -11.42 -12.51
C LEU B 87 10.36 -11.43 -11.90
N VAL B 88 11.30 -10.79 -12.62
CA VAL B 88 12.69 -10.59 -12.17
C VAL B 88 13.13 -9.20 -12.53
N TYR B 89 13.99 -8.64 -11.69
CA TYR B 89 14.64 -7.36 -11.99
C TYR B 89 15.61 -7.57 -13.16
N ASP B 90 15.52 -6.72 -14.18
CA ASP B 90 16.31 -6.83 -15.42
C ASP B 90 17.69 -6.18 -15.29
N ALA B 91 18.50 -6.76 -14.41
CA ALA B 91 19.85 -6.22 -14.06
C ALA B 91 20.80 -6.36 -15.24
N PRO B 92 21.79 -5.45 -15.36
CA PRO B 92 22.86 -5.65 -16.39
C PRO B 92 23.59 -6.98 -16.21
N LYS B 93 24.06 -7.61 -17.30
CA LYS B 93 24.85 -8.87 -17.16
C LYS B 93 26.16 -8.69 -16.42
N LYS B 94 26.83 -7.57 -16.62
CA LYS B 94 28.17 -7.40 -16.05
C LYS B 94 28.12 -7.45 -14.53
N TYR B 95 29.15 -8.04 -13.93
CA TYR B 95 29.19 -8.29 -12.48
C TYR B 95 27.92 -8.97 -12.01
N ALA B 96 27.48 -9.97 -12.79
CA ALA B 96 26.21 -10.61 -12.56
C ALA B 96 26.15 -11.16 -11.15
N HIS B 97 25.01 -10.88 -10.53
CA HIS B 97 24.78 -11.25 -9.16
C HIS B 97 23.41 -11.93 -9.15
N ARG B 98 23.26 -12.91 -8.27
CA ARG B 98 21.98 -13.60 -8.05
C ARG B 98 20.86 -12.62 -7.70
N ARG B 99 19.67 -12.87 -8.27
CA ARG B 99 18.44 -12.08 -8.00
C ARG B 99 17.37 -13.11 -7.71
N SER B 100 16.37 -12.78 -6.89
CA SER B 100 15.25 -13.70 -6.69
C SER B 100 14.13 -13.38 -7.69
N MSE B 101 13.30 -14.38 -7.98
CA MSE B 101 12.13 -14.20 -8.84
C MSE B 101 10.95 -13.93 -7.92
O MSE B 101 10.97 -14.32 -6.72
CB MSE B 101 11.89 -15.50 -9.63
CG MSE B 101 13.12 -15.96 -10.52
SE MSE B 101 12.66 -15.62 -12.34
CE MSE B 101 14.49 -15.61 -13.17
N HIS B 102 9.92 -13.27 -8.43
CA HIS B 102 8.77 -12.88 -7.58
C HIS B 102 7.44 -13.20 -8.27
N GLU B 103 6.62 -14.01 -7.63
CA GLU B 103 5.31 -14.40 -8.16
C GLU B 103 4.28 -13.29 -7.89
N ILE B 104 3.34 -13.11 -8.82
CA ILE B 104 2.23 -12.14 -8.65
C ILE B 104 1.07 -12.90 -8.03
N ALA B 105 0.53 -12.35 -6.93
CA ALA B 105 -0.66 -12.94 -6.37
C ALA B 105 -1.65 -11.82 -6.00
N TYR B 106 -2.83 -12.21 -5.53
CA TYR B 106 -3.82 -11.22 -5.07
C TYR B 106 -4.17 -11.53 -3.61
N ALA B 107 -4.22 -10.51 -2.76
CA ALA B 107 -4.78 -10.68 -1.39
C ALA B 107 -5.17 -9.32 -0.81
N ASP B 108 -6.07 -9.36 0.18
CA ASP B 108 -6.34 -8.20 1.03
C ASP B 108 -6.71 -6.98 0.09
N GLY B 109 -7.44 -7.14 -1.02
CA GLY B 109 -7.78 -5.99 -1.92
C GLY B 109 -6.74 -5.46 -2.95
N ARG B 110 -5.63 -6.18 -3.13
CA ARG B 110 -4.64 -5.73 -4.11
C ARG B 110 -3.82 -6.91 -4.64
N PHE B 111 -3.26 -6.71 -5.83
CA PHE B 111 -2.15 -7.58 -6.36
C PHE B 111 -0.83 -7.22 -5.69
N PHE B 112 -0.02 -8.25 -5.38
CA PHE B 112 1.25 -8.18 -4.61
C PHE B 112 2.27 -8.93 -5.54
N TRP B 113 3.52 -8.48 -5.57
CA TRP B 113 4.61 -9.40 -5.93
C TRP B 113 5.17 -9.93 -4.63
N GLU B 114 5.41 -11.25 -4.59
CA GLU B 114 5.88 -11.89 -3.37
C GLU B 114 7.34 -11.64 -3.08
N PHE B 115 7.65 -11.58 -1.78
CA PHE B 115 9.02 -11.43 -1.28
C PHE B 115 9.77 -10.17 -1.78
N LEU B 116 9.09 -9.04 -1.81
CA LEU B 116 9.76 -7.83 -2.27
C LEU B 116 9.31 -6.64 -1.43
N ASP B 117 10.26 -5.79 -1.05
CA ASP B 117 10.02 -4.62 -0.19
C ASP B 117 9.21 -3.52 -0.89
N LEU B 118 9.33 -3.39 -2.20
CA LEU B 118 8.57 -2.35 -2.95
C LEU B 118 7.07 -2.65 -3.10
N VAL B 119 6.27 -1.60 -3.21
CA VAL B 119 4.87 -1.80 -3.53
C VAL B 119 4.67 -2.12 -5.03
N PHE B 120 3.87 -3.13 -5.30
CA PHE B 120 3.57 -3.47 -6.71
C PHE B 120 2.69 -2.39 -7.35
N CYS B 121 3.25 -1.61 -8.28
CA CYS B 121 2.50 -0.58 -9.02
C CYS B 121 3.27 -0.29 -10.31
N GLN B 122 2.64 0.39 -11.26
CA GLN B 122 3.25 0.53 -12.58
C GLN B 122 4.61 1.22 -12.50
N SER B 123 4.70 2.29 -11.70
CA SER B 123 6.02 2.99 -11.61
C SER B 123 7.14 2.14 -11.04
N ASN B 124 6.86 1.29 -10.03
CA ASN B 124 7.85 0.42 -9.49
C ASN B 124 8.27 -0.68 -10.43
N ILE B 125 7.33 -1.12 -11.27
CA ILE B 125 7.67 -2.13 -12.29
C ILE B 125 8.71 -1.63 -13.24
N LEU B 126 8.63 -0.34 -13.58
CA LEU B 126 9.48 0.28 -14.63
C LEU B 126 10.69 0.99 -14.07
N TYR B 127 10.76 1.15 -12.75
CA TYR B 127 11.78 2.00 -12.13
C TYR B 127 13.17 1.43 -12.38
N ARG B 128 14.10 2.34 -12.67
CA ARG B 128 15.51 1.99 -12.89
C ARG B 128 15.60 0.93 -14.00
N ASP B 129 16.18 -0.24 -13.74
CA ASP B 129 16.29 -1.26 -14.78
C ASP B 129 14.98 -2.01 -15.06
N GLY B 130 13.96 -1.82 -14.19
CA GLY B 130 12.68 -2.42 -14.46
C GLY B 130 12.61 -3.92 -14.23
N TYR B 131 11.37 -4.42 -14.31
CA TYR B 131 11.08 -5.83 -14.13
C TYR B 131 10.52 -6.43 -15.39
N LEU B 132 10.83 -7.70 -15.60
CA LEU B 132 10.34 -8.49 -16.74
C LEU B 132 9.62 -9.74 -16.28
N VAL B 133 8.54 -10.09 -16.97
CA VAL B 133 7.90 -11.38 -16.74
C VAL B 133 8.81 -12.45 -17.40
N ILE B 134 9.19 -13.45 -16.64
CA ILE B 134 10.06 -14.56 -17.12
C ILE B 134 9.27 -15.85 -17.37
N GLY B 135 8.13 -16.00 -16.70
CA GLY B 135 7.28 -17.16 -16.90
C GLY B 135 6.19 -17.09 -15.90
N ASN B 136 5.64 -18.24 -15.55
CA ASN B 136 4.57 -18.30 -14.56
C ASN B 136 4.63 -19.58 -13.74
N ILE B 137 3.81 -19.65 -12.69
CA ILE B 137 3.89 -20.73 -11.71
C ILE B 137 3.48 -22.08 -12.31
N HIS B 138 2.68 -22.06 -13.36
CA HIS B 138 2.19 -23.29 -13.98
C HIS B 138 3.17 -23.87 -14.99
N GLU B 139 3.65 -23.05 -15.91
CA GLU B 139 4.53 -23.52 -16.97
C GLU B 139 5.95 -23.61 -16.44
N ASN B 140 6.28 -22.76 -15.47
CA ASN B 140 7.68 -22.58 -15.02
C ASN B 140 7.93 -22.65 -13.53
N PRO B 141 7.55 -23.78 -12.90
CA PRO B 141 7.67 -23.82 -11.46
C PRO B 141 9.15 -23.82 -11.05
N GLU B 142 10.04 -24.15 -12.00
CA GLU B 142 11.49 -24.16 -11.70
C GLU B 142 12.04 -22.78 -11.31
N LEU B 143 11.30 -21.72 -11.64
CA LEU B 143 11.73 -20.35 -11.38
C LEU B 143 11.70 -20.01 -9.88
N LEU B 144 10.90 -20.76 -9.13
CA LEU B 144 10.79 -20.53 -7.73
C LEU B 144 11.51 -21.62 -6.92
N GLU B 145 12.06 -22.64 -7.60
CA GLU B 145 12.95 -23.61 -6.91
C GLU B 145 14.27 -22.95 -6.51
N SER C 2 -7.14 -15.31 -7.07
CA SER C 2 -7.43 -15.44 -5.60
C SER C 2 -8.56 -14.48 -5.30
N LEU C 3 -8.80 -13.62 -6.25
CA LEU C 3 -10.02 -12.86 -6.29
C LEU C 3 -10.97 -13.66 -7.16
N ILE C 4 -12.09 -14.09 -6.61
CA ILE C 4 -13.06 -14.79 -7.43
C ILE C 4 -13.76 -13.73 -8.31
N PRO C 5 -13.77 -13.91 -9.63
CA PRO C 5 -14.37 -12.90 -10.48
C PRO C 5 -15.87 -12.85 -10.39
N LYS C 6 -16.41 -11.68 -10.05
CA LYS C 6 -17.85 -11.53 -10.00
C LYS C 6 -18.11 -10.13 -10.51
N PHE C 7 -19.07 -10.00 -11.41
CA PHE C 7 -19.31 -8.70 -12.03
C PHE C 7 -20.83 -8.34 -11.92
N ARG C 8 -21.10 -7.05 -11.89
CA ARG C 8 -22.44 -6.49 -12.07
C ARG C 8 -22.34 -5.49 -13.25
N ALA C 9 -23.49 -5.13 -13.84
CA ALA C 9 -23.48 -4.14 -14.91
C ALA C 9 -24.62 -3.16 -14.70
N TRP C 10 -24.34 -1.89 -14.89
CA TRP C 10 -25.40 -0.91 -14.95
C TRP C 10 -25.83 -0.79 -16.42
N ASP C 11 -27.14 -0.92 -16.65
CA ASP C 11 -27.71 -0.81 -18.00
C ASP C 11 -28.25 0.58 -18.11
N THR C 12 -27.54 1.40 -18.88
CA THR C 12 -27.85 2.81 -19.02
C THR C 12 -29.16 3.05 -19.79
N TYR C 13 -29.56 2.08 -20.58
CA TYR C 13 -30.80 2.20 -21.38
C TYR C 13 -32.02 1.89 -20.51
N GLU C 14 -31.96 0.83 -19.72
CA GLU C 14 -33.09 0.41 -18.86
C GLU C 14 -33.03 1.09 -17.50
N LYS C 15 -31.89 1.72 -17.18
CA LYS C 15 -31.65 2.34 -15.86
C LYS C 15 -31.81 1.29 -14.75
N GLU C 16 -31.09 0.18 -14.91
CA GLU C 16 -31.18 -0.85 -13.92
C GLU C 16 -29.85 -1.52 -13.73
N MSE C 17 -29.67 -2.03 -12.51
CA MSE C 17 -28.46 -2.82 -12.19
C MSE C 17 -28.71 -4.32 -12.39
O MSE C 17 -29.70 -4.91 -11.88
CB MSE C 17 -28.01 -2.54 -10.76
CG MSE C 17 -26.65 -3.19 -10.46
SE MSE C 17 -25.16 -2.21 -11.24
CE MSE C 17 -25.03 -0.67 -10.02
N LEU C 18 -27.84 -4.94 -13.18
CA LEU C 18 -27.90 -6.38 -13.43
C LEU C 18 -26.84 -7.08 -12.58
N GLU C 19 -27.25 -8.11 -11.84
CA GLU C 19 -26.27 -8.86 -11.00
C GLU C 19 -25.75 -10.13 -11.70
N ASN C 20 -24.57 -10.59 -11.27
CA ASN C 20 -23.99 -11.86 -11.73
C ASN C 20 -23.96 -11.94 -13.24
N VAL C 21 -23.35 -10.95 -13.87
CA VAL C 21 -23.20 -10.94 -15.32
C VAL C 21 -21.85 -11.48 -15.72
N THR C 22 -21.74 -11.95 -16.97
CA THR C 22 -20.45 -12.41 -17.55
C THR C 22 -20.16 -11.50 -18.75
N PRO C 23 -19.15 -10.60 -18.63
CA PRO C 23 -18.72 -9.75 -19.75
C PRO C 23 -17.87 -10.56 -20.71
N LEU C 24 -18.06 -10.33 -22.01
CA LEU C 24 -17.27 -10.94 -23.08
C LEU C 24 -16.52 -9.91 -23.89
N PHE C 25 -15.23 -10.11 -24.01
CA PHE C 25 -14.35 -9.14 -24.64
C PHE C 25 -13.74 -9.69 -25.90
N ASP C 26 -13.45 -8.82 -26.86
CA ASP C 26 -12.65 -9.22 -28.02
C ASP C 26 -11.20 -9.34 -27.54
N ASP C 27 -10.28 -9.70 -28.41
CA ASP C 27 -8.93 -9.90 -27.92
C ASP C 27 -8.20 -8.55 -27.83
N SER C 28 -8.97 -7.46 -27.76
CA SER C 28 -8.43 -6.11 -27.83
C SER C 28 -9.05 -5.15 -26.80
N ASN C 29 -9.40 -5.68 -25.63
CA ASN C 29 -9.81 -4.85 -24.50
C ASN C 29 -11.19 -4.21 -24.66
N SER C 30 -11.95 -4.57 -25.69
CA SER C 30 -13.28 -3.96 -25.86
C SER C 30 -14.40 -4.97 -25.58
N MSE C 31 -15.36 -4.58 -24.74
CA MSE C 31 -16.47 -5.46 -24.45
C MSE C 31 -17.37 -5.53 -25.65
O MSE C 31 -17.86 -4.50 -26.15
CB MSE C 31 -17.28 -5.03 -23.24
CG MSE C 31 -18.43 -5.99 -22.93
SE MSE C 31 -19.30 -5.69 -21.19
CE MSE C 31 -19.68 -3.77 -21.27
N ILE C 32 -17.62 -6.75 -26.10
CA ILE C 32 -18.46 -6.94 -27.26
C ILE C 32 -19.74 -7.67 -27.00
N ALA C 33 -19.85 -8.30 -25.83
CA ALA C 33 -21.08 -8.95 -25.45
C ALA C 33 -21.17 -9.10 -23.96
N ILE C 34 -22.36 -9.44 -23.51
CA ILE C 34 -22.60 -9.71 -22.12
C ILE C 34 -23.58 -10.86 -21.99
N ILE C 35 -23.32 -11.78 -21.06
CA ILE C 35 -24.30 -12.81 -20.72
C ILE C 35 -24.87 -12.48 -19.35
N THR C 36 -26.18 -12.34 -19.26
CA THR C 36 -26.87 -11.95 -18.04
C THR C 36 -27.58 -13.13 -17.35
N ASP C 37 -27.79 -14.25 -18.08
CA ASP C 37 -28.29 -15.51 -17.49
C ASP C 37 -27.89 -16.67 -18.38
N PHE C 38 -27.52 -17.80 -17.78
CA PHE C 38 -27.23 -19.01 -18.57
C PHE C 38 -27.39 -20.25 -17.69
N GLN C 39 -27.49 -21.39 -18.34
CA GLN C 39 -27.47 -22.67 -17.67
C GLN C 39 -26.59 -23.64 -18.43
N ILE C 40 -26.12 -24.66 -17.72
CA ILE C 40 -25.42 -25.78 -18.30
C ILE C 40 -26.41 -26.95 -18.41
N LYS C 41 -26.50 -27.52 -19.60
CA LYS C 41 -27.41 -28.65 -19.86
C LYS C 41 -26.73 -29.75 -20.70
N GLY C 42 -27.05 -31.02 -20.42
CA GLY C 42 -26.44 -32.16 -21.11
C GLY C 42 -26.74 -33.48 -20.40
N SER C 43 -27.28 -34.45 -21.15
CA SER C 43 -27.88 -35.65 -20.54
C SER C 43 -27.45 -37.06 -21.06
N PRO C 44 -26.36 -37.17 -21.85
CA PRO C 44 -25.40 -36.16 -22.29
C PRO C 44 -25.86 -35.53 -23.60
N GLY C 45 -25.51 -34.27 -23.77
CA GLY C 45 -25.72 -33.59 -25.04
C GLY C 45 -24.76 -34.13 -26.08
N THR C 46 -23.46 -34.14 -25.80
CA THR C 46 -22.88 -33.82 -24.47
C THR C 46 -23.08 -32.35 -24.02
N SER C 47 -22.78 -32.08 -22.74
CA SER C 47 -23.13 -30.82 -22.05
C SER C 47 -22.78 -29.55 -22.80
N GLU C 48 -23.65 -28.56 -22.66
CA GLU C 48 -23.53 -27.35 -23.44
C GLU C 48 -23.87 -26.15 -22.56
N ILE C 49 -23.40 -24.99 -22.97
CA ILE C 49 -23.79 -23.75 -22.32
C ILE C 49 -25.01 -23.21 -23.08
N GLU C 50 -26.12 -23.08 -22.35
CA GLU C 50 -27.37 -22.58 -22.90
C GLU C 50 -27.50 -21.14 -22.44
N ILE C 51 -27.18 -20.21 -23.34
CA ILE C 51 -27.30 -18.79 -23.00
C ILE C 51 -28.78 -18.40 -22.85
N GLY C 52 -29.15 -17.89 -21.68
CA GLY C 52 -30.54 -17.54 -21.40
C GLY C 52 -30.93 -16.14 -21.84
N SER C 53 -30.16 -15.15 -21.41
CA SER C 53 -30.36 -13.72 -21.70
C SER C 53 -28.99 -13.15 -21.94
N TYR C 54 -28.86 -12.26 -22.92
CA TYR C 54 -27.54 -11.78 -23.32
C TYR C 54 -27.77 -10.55 -24.19
N ASP C 55 -26.68 -9.88 -24.53
CA ASP C 55 -26.73 -8.76 -25.47
C ASP C 55 -25.38 -8.67 -26.18
N THR C 56 -25.33 -7.99 -27.31
CA THR C 56 -24.09 -7.81 -28.04
C THR C 56 -24.00 -6.41 -28.59
N THR C 57 -22.78 -5.98 -28.84
CA THR C 57 -22.49 -4.64 -29.35
C THR C 57 -23.08 -4.41 -30.77
N PHE C 58 -23.38 -5.49 -31.50
CA PHE C 58 -24.11 -5.38 -32.81
C PHE C 58 -25.44 -4.67 -32.68
N ASN C 59 -26.03 -4.78 -31.48
CA ASN C 59 -27.38 -4.35 -31.26
C ASN C 59 -27.49 -2.84 -30.92
N TRP C 60 -26.37 -2.14 -30.86
CA TRP C 60 -26.34 -0.77 -30.27
C TRP C 60 -25.43 0.15 -31.02
N ASP C 61 -25.75 1.45 -31.01
CA ASP C 61 -24.75 2.40 -31.47
C ASP C 61 -23.60 2.49 -30.47
N GLU C 62 -23.91 2.38 -29.17
CA GLU C 62 -22.91 2.43 -28.09
C GLU C 62 -23.42 1.39 -27.08
N PHE C 63 -22.58 0.44 -26.66
CA PHE C 63 -23.06 -0.67 -25.80
C PHE C 63 -23.43 -0.03 -24.44
N PRO C 64 -24.68 -0.21 -23.97
CA PRO C 64 -25.15 0.58 -22.80
C PRO C 64 -24.85 -0.04 -21.45
N TYR C 65 -23.90 -0.97 -21.40
CA TYR C 65 -23.66 -1.70 -20.14
C TYR C 65 -22.32 -1.23 -19.58
N VAL C 66 -22.30 -0.89 -18.29
CA VAL C 66 -21.07 -0.46 -17.62
C VAL C 66 -20.73 -1.55 -16.60
N ILE C 67 -19.56 -2.19 -16.76
CA ILE C 67 -19.22 -3.33 -15.90
C ILE C 67 -18.46 -2.86 -14.66
N MSE C 68 -18.75 -3.53 -13.55
CA MSE C 68 -18.10 -3.29 -12.25
C MSE C 68 -17.76 -4.64 -11.60
O MSE C 68 -18.59 -5.52 -11.57
CB MSE C 68 -19.02 -2.44 -11.36
CG MSE C 68 -19.04 -0.99 -11.75
SE MSE C 68 -20.75 -0.32 -10.96
CE MSE C 68 -21.90 -0.77 -12.55
N GLN C 69 -16.52 -4.77 -11.10
CA GLN C 69 -16.07 -6.05 -10.53
C GLN C 69 -16.13 -5.98 -9.03
N SER C 70 -16.45 -7.12 -8.41
CA SER C 70 -16.41 -7.24 -6.97
C SER C 70 -14.97 -7.17 -6.45
N THR C 71 -14.81 -6.46 -5.34
CA THR C 71 -13.56 -6.51 -4.60
C THR C 71 -13.38 -7.79 -3.81
N GLY C 72 -14.46 -8.53 -3.63
CA GLY C 72 -14.52 -9.72 -2.77
C GLY C 72 -14.51 -9.37 -1.28
N LEU C 73 -14.55 -8.08 -0.95
CA LEU C 73 -14.63 -7.66 0.48
C LEU C 73 -16.06 -7.28 0.84
N LYS C 74 -16.41 -7.32 2.14
CA LYS C 74 -17.79 -7.04 2.60
C LYS C 74 -17.79 -5.83 3.54
N ASP C 75 -18.89 -5.07 3.56
CA ASP C 75 -18.99 -3.92 4.47
C ASP C 75 -19.50 -4.41 5.84
N LYS C 76 -19.71 -3.47 6.76
CA LYS C 76 -20.05 -3.81 8.15
C LYS C 76 -21.35 -4.61 8.22
N ASN C 77 -22.24 -4.40 7.24
CA ASN C 77 -23.52 -5.17 7.18
C ASN C 77 -23.51 -6.39 6.29
N GLY C 78 -22.31 -6.81 5.84
CA GLY C 78 -22.11 -8.03 5.05
C GLY C 78 -22.45 -7.87 3.58
N VAL C 79 -22.58 -6.63 3.14
CA VAL C 79 -22.79 -6.30 1.73
C VAL C 79 -21.48 -6.44 0.92
N GLU C 80 -21.52 -7.19 -0.19
CA GLU C 80 -20.33 -7.34 -1.01
C GLU C 80 -20.00 -6.00 -1.72
N ILE C 81 -18.74 -5.60 -1.66
CA ILE C 81 -18.34 -4.26 -2.15
C ILE C 81 -17.78 -4.38 -3.56
N PHE C 82 -18.34 -3.57 -4.47
CA PHE C 82 -17.94 -3.55 -5.90
C PHE C 82 -17.32 -2.23 -6.27
N GLU C 83 -16.55 -2.20 -7.36
CA GLU C 83 -16.22 -0.93 -7.99
C GLU C 83 -17.51 -0.12 -8.17
N GLY C 84 -17.40 1.19 -7.91
CA GLY C 84 -18.51 2.10 -8.16
C GLY C 84 -19.37 2.27 -6.90
N ASP C 85 -19.26 1.33 -5.94
CA ASP C 85 -19.91 1.55 -4.61
C ASP C 85 -19.42 2.82 -3.92
N ILE C 86 -20.31 3.39 -3.11
CA ILE C 86 -19.98 4.58 -2.33
C ILE C 86 -20.08 4.18 -0.87
N LEU C 87 -18.98 4.34 -0.14
CA LEU C 87 -18.97 3.98 1.30
C LEU C 87 -18.92 5.20 2.21
N VAL C 88 -19.50 5.03 3.40
CA VAL C 88 -19.41 6.09 4.42
C VAL C 88 -19.07 5.43 5.77
N TYR C 89 -18.40 6.17 6.65
CA TYR C 89 -18.18 5.73 8.03
C TYR C 89 -19.50 5.73 8.85
N ASP C 90 -19.79 4.65 9.55
CA ASP C 90 -21.08 4.49 10.29
C ASP C 90 -21.04 5.25 11.64
N ALA C 91 -20.89 6.56 11.56
CA ALA C 91 -20.86 7.37 12.79
C ALA C 91 -22.18 8.16 12.93
N PRO C 92 -22.32 8.91 14.04
CA PRO C 92 -23.44 9.82 14.10
C PRO C 92 -23.55 10.76 12.89
N LYS C 93 -24.77 11.24 12.68
CA LYS C 93 -25.08 12.11 11.58
C LYS C 93 -24.93 13.54 12.02
N LYS C 94 -24.11 14.29 11.28
CA LYS C 94 -23.89 15.73 11.48
C LYS C 94 -24.86 16.51 10.58
N TYR C 95 -25.97 16.94 11.17
CA TYR C 95 -27.05 17.58 10.44
C TYR C 95 -26.60 18.81 9.69
N ALA C 96 -27.03 18.89 8.44
CA ALA C 96 -26.87 20.08 7.62
C ALA C 96 -25.45 20.39 7.20
N HIS C 97 -24.59 19.37 7.23
CA HIS C 97 -23.24 19.45 6.74
C HIS C 97 -23.04 18.27 5.84
N ARG C 98 -22.09 18.42 4.93
CA ARG C 98 -21.74 17.34 3.98
C ARG C 98 -21.22 16.13 4.73
N ARG C 99 -21.69 14.93 4.37
CA ARG C 99 -21.14 13.71 4.92
C ARG C 99 -20.08 13.20 3.96
N SER C 100 -18.90 12.78 4.45
CA SER C 100 -17.83 12.35 3.56
C SER C 100 -18.21 11.03 2.91
N MSE C 101 -18.05 10.95 1.60
CA MSE C 101 -18.43 9.71 0.89
C MSE C 101 -17.20 9.25 0.09
O MSE C 101 -16.39 10.08 -0.31
CB MSE C 101 -19.70 9.95 0.03
CG MSE C 101 -21.04 10.17 0.86
SE MSE C 101 -22.59 10.72 -0.25
CE MSE C 101 -21.58 11.03 -1.31
N HIS C 102 -17.01 7.94 -0.05
CA HIS C 102 -15.76 7.39 -0.58
C HIS C 102 -16.10 6.35 -1.64
N GLU C 103 -15.83 6.67 -2.92
CA GLU C 103 -16.13 5.79 -4.03
C GLU C 103 -15.03 4.71 -4.13
N ILE C 104 -15.41 3.50 -4.49
CA ILE C 104 -14.43 2.41 -4.66
C ILE C 104 -14.01 2.35 -6.14
N ALA C 105 -12.72 2.19 -6.38
CA ALA C 105 -12.26 2.09 -7.77
C ALA C 105 -11.03 1.19 -7.76
N TYR C 106 -10.57 0.85 -8.95
CA TYR C 106 -9.35 0.08 -9.05
C TYR C 106 -8.41 0.94 -9.85
N ALA C 107 -7.18 1.00 -9.38
CA ALA C 107 -6.12 1.56 -10.23
C ALA C 107 -4.74 1.08 -9.80
N ASP C 108 -3.90 0.92 -10.81
CA ASP C 108 -2.47 0.72 -10.53
C ASP C 108 -2.24 -0.43 -9.54
N GLY C 109 -2.97 -1.51 -9.74
CA GLY C 109 -2.71 -2.72 -9.01
C GLY C 109 -3.55 -2.97 -7.76
N ARG C 110 -4.40 -2.01 -7.39
CA ARG C 110 -5.20 -2.26 -6.19
C ARG C 110 -6.57 -1.62 -6.29
N PHE C 111 -7.52 -2.18 -5.54
CA PHE C 111 -8.74 -1.44 -5.26
C PHE C 111 -8.47 -0.43 -4.17
N PHE C 112 -9.17 0.71 -4.26
CA PHE C 112 -8.95 1.69 -3.21
C PHE C 112 -10.25 2.44 -2.99
N TRP C 113 -10.36 3.11 -1.85
CA TRP C 113 -11.49 4.04 -1.66
C TRP C 113 -10.97 5.44 -1.75
N GLU C 114 -11.79 6.31 -2.33
CA GLU C 114 -11.34 7.66 -2.55
C GLU C 114 -11.45 8.59 -1.33
N PHE C 115 -10.52 9.55 -1.24
CA PHE C 115 -10.54 10.55 -0.20
C PHE C 115 -10.48 10.01 1.23
N LEU C 116 -9.63 9.02 1.49
CA LEU C 116 -9.52 8.47 2.86
C LEU C 116 -8.08 8.07 3.21
N ASP C 117 -7.61 8.43 4.41
CA ASP C 117 -6.21 8.13 4.82
C ASP C 117 -5.95 6.68 5.18
N LEU C 118 -6.97 5.97 5.63
CA LEU C 118 -6.85 4.52 5.86
C LEU C 118 -6.73 3.84 4.53
N VAL C 119 -6.00 2.73 4.53
CA VAL C 119 -5.86 1.90 3.36
C VAL C 119 -7.07 0.98 3.21
N PHE C 120 -7.54 0.82 1.98
CA PHE C 120 -8.71 -0.07 1.75
C PHE C 120 -8.33 -1.54 1.91
N CYS C 121 -8.88 -2.18 2.92
CA CYS C 121 -8.67 -3.61 3.16
C CYS C 121 -9.75 -4.09 4.13
N GLN C 122 -9.93 -5.41 4.23
CA GLN C 122 -11.13 -5.91 4.98
C GLN C 122 -11.10 -5.40 6.45
N SER C 123 -9.93 -5.45 7.08
CA SER C 123 -9.83 -5.05 8.52
C SER C 123 -10.15 -3.56 8.71
N ASN C 124 -9.73 -2.71 7.76
CA ASN C 124 -10.06 -1.30 7.91
C ASN C 124 -11.54 -0.98 7.63
N ILE C 125 -12.15 -1.78 6.78
CA ILE C 125 -13.58 -1.61 6.50
C ILE C 125 -14.40 -1.84 7.78
N LEU C 126 -13.93 -2.75 8.63
CA LEU C 126 -14.72 -3.19 9.79
C LEU C 126 -14.29 -2.49 11.10
N TYR C 127 -13.12 -1.86 11.09
CA TYR C 127 -12.51 -1.32 12.32
C TYR C 127 -13.40 -0.21 12.93
N ARG C 128 -13.43 -0.12 14.27
CA ARG C 128 -14.21 0.97 14.93
C ARG C 128 -15.70 0.82 14.53
N ASP C 129 -16.37 1.91 14.18
CA ASP C 129 -17.81 1.87 13.80
C ASP C 129 -18.03 1.19 12.42
N GLY C 130 -16.95 0.97 11.66
CA GLY C 130 -17.07 0.27 10.36
C GLY C 130 -17.59 1.20 9.29
N TYR C 131 -17.48 0.75 8.03
CA TYR C 131 -17.98 1.46 6.85
C TYR C 131 -19.13 0.71 6.23
N LEU C 132 -20.06 1.47 5.66
CA LEU C 132 -21.18 0.84 4.99
C LEU C 132 -21.32 1.34 3.57
N VAL C 133 -21.74 0.46 2.66
CA VAL C 133 -22.18 0.87 1.30
C VAL C 133 -23.51 1.63 1.45
N ILE C 134 -23.59 2.83 0.87
CA ILE C 134 -24.85 3.57 0.83
C ILE C 134 -25.49 3.61 -0.54
N GLY C 135 -24.77 3.12 -1.55
CA GLY C 135 -25.31 3.17 -2.91
C GLY C 135 -24.13 3.09 -3.87
N ASN C 136 -24.37 3.41 -5.12
CA ASN C 136 -23.28 3.47 -6.08
C ASN C 136 -23.44 4.59 -7.08
N ILE C 137 -22.36 4.86 -7.82
CA ILE C 137 -22.32 6.03 -8.70
C ILE C 137 -23.28 5.99 -9.88
N HIS C 138 -23.86 4.82 -10.15
CA HIS C 138 -24.80 4.67 -11.29
C HIS C 138 -26.25 4.75 -10.87
N GLU C 139 -26.62 3.90 -9.92
CA GLU C 139 -27.99 3.93 -9.36
C GLU C 139 -28.25 5.27 -8.66
N ASN C 140 -27.19 5.84 -8.05
CA ASN C 140 -27.28 7.08 -7.21
C ASN C 140 -26.34 8.19 -7.71
N PRO C 141 -26.57 8.73 -8.94
CA PRO C 141 -25.61 9.55 -9.74
C PRO C 141 -25.16 10.98 -9.28
N GLU C 142 -26.00 11.61 -8.45
CA GLU C 142 -25.84 13.00 -8.00
C GLU C 142 -25.54 13.06 -6.49
N LEU C 143 -25.08 11.95 -5.93
CA LEU C 143 -24.65 11.96 -4.52
C LEU C 143 -23.24 12.46 -4.36
N LEU C 144 -22.31 11.98 -5.18
CA LEU C 144 -20.93 12.46 -5.07
C LEU C 144 -20.74 13.90 -5.56
N SER D 2 16.33 1.67 8.19
CA SER D 2 16.10 2.01 6.75
C SER D 2 15.44 3.39 6.54
N LEU D 3 15.15 4.09 7.62
CA LEU D 3 14.76 5.51 7.50
C LEU D 3 15.65 6.33 8.40
N ILE D 4 16.42 7.20 7.80
CA ILE D 4 17.29 8.07 8.57
C ILE D 4 16.39 9.12 9.25
N PRO D 5 16.44 9.19 10.61
CA PRO D 5 15.66 10.18 11.34
C PRO D 5 16.13 11.61 11.04
N LYS D 6 15.28 12.39 10.40
CA LYS D 6 15.61 13.76 10.10
C LYS D 6 14.39 14.62 10.37
N PHE D 7 14.60 15.76 11.03
CA PHE D 7 13.51 16.62 11.42
C PHE D 7 13.77 18.07 11.05
N ARG D 8 12.68 18.80 10.83
CA ARG D 8 12.69 20.25 10.70
C ARG D 8 11.59 20.79 11.61
N ALA D 9 11.70 22.08 11.95
CA ALA D 9 10.72 22.65 12.84
C ALA D 9 10.24 23.99 12.31
N TRP D 10 8.94 24.20 12.34
CA TRP D 10 8.39 25.52 12.06
C TRP D 10 8.38 26.28 13.35
N ASP D 11 9.06 27.44 13.34
CA ASP D 11 9.09 28.37 14.46
C ASP D 11 7.92 29.32 14.25
N THR D 12 6.89 29.19 15.10
CA THR D 12 5.67 29.96 14.96
C THR D 12 5.82 31.39 15.51
N TYR D 13 6.94 31.66 16.19
CA TYR D 13 7.26 33.02 16.62
C TYR D 13 7.99 33.80 15.52
N GLU D 14 9.15 33.30 15.08
CA GLU D 14 9.90 33.91 13.99
C GLU D 14 9.19 33.76 12.65
N LYS D 15 8.31 32.75 12.55
CA LYS D 15 7.76 32.37 11.25
C LYS D 15 8.93 32.02 10.33
N GLU D 16 9.75 31.07 10.76
CA GLU D 16 10.80 30.53 9.90
C GLU D 16 10.87 29.03 10.12
N MSE D 17 11.44 28.35 9.13
CA MSE D 17 11.65 26.91 9.19
C MSE D 17 13.10 26.65 9.58
O MSE D 17 14.03 27.19 8.97
CB MSE D 17 11.36 26.27 7.81
CG MSE D 17 11.39 24.76 7.81
SE MSE D 17 9.81 24.08 8.74
CE MSE D 17 8.44 24.29 7.37
N LEU D 18 13.28 25.82 10.60
CA LEU D 18 14.58 25.41 11.03
C LEU D 18 14.87 24.00 10.55
N GLU D 19 16.06 23.80 9.98
CA GLU D 19 16.45 22.50 9.44
C GLU D 19 17.38 21.73 10.36
N ASN D 20 17.41 20.41 10.19
CA ASN D 20 18.33 19.54 10.93
C ASN D 20 18.25 19.79 12.43
N VAL D 21 17.01 19.77 12.96
CA VAL D 21 16.82 19.93 14.39
C VAL D 21 16.71 18.56 15.06
N THR D 22 16.97 18.54 16.38
CA THR D 22 16.84 17.32 17.17
C THR D 22 15.83 17.58 18.27
N PRO D 23 14.64 16.95 18.17
CA PRO D 23 13.62 17.15 19.17
C PRO D 23 13.91 16.23 20.34
N LEU D 24 13.60 16.71 21.54
CA LEU D 24 13.86 15.94 22.75
C LEU D 24 12.55 15.78 23.50
N PHE D 25 12.22 14.54 23.86
CA PHE D 25 10.90 14.25 24.43
C PHE D 25 11.08 13.77 25.88
N ASP D 26 10.21 14.20 26.78
CA ASP D 26 10.29 13.75 28.17
C ASP D 26 9.63 12.39 28.34
N ASP D 27 9.62 11.85 29.57
CA ASP D 27 9.10 10.48 29.77
C ASP D 27 7.60 10.39 29.48
N SER D 28 6.88 11.51 29.54
CA SER D 28 5.46 11.54 29.14
C SER D 28 5.27 11.57 27.61
N ASN D 29 6.39 11.60 26.89
CA ASN D 29 6.39 11.59 25.43
C ASN D 29 5.92 12.92 24.85
N SER D 30 6.12 13.97 25.62
CA SER D 30 5.85 15.33 25.19
C SER D 30 7.17 16.01 24.86
N MSE D 31 7.18 16.83 23.82
CA MSE D 31 8.42 17.47 23.46
C MSE D 31 8.76 18.54 24.49
O MSE D 31 7.93 19.40 24.81
CB MSE D 31 8.38 18.09 22.10
CG MSE D 31 9.64 18.82 21.86
SE MSE D 31 9.81 19.43 20.09
CE MSE D 31 8.10 20.37 19.92
N ILE D 32 9.98 18.50 24.98
CA ILE D 32 10.37 19.36 26.09
C ILE D 32 11.47 20.35 25.66
N ALA D 33 12.19 19.99 24.59
CA ALA D 33 13.34 20.78 24.13
C ALA D 33 13.72 20.47 22.70
N ILE D 34 14.59 21.32 22.16
CA ILE D 34 15.04 21.13 20.80
C ILE D 34 16.48 21.59 20.71
N ILE D 35 17.32 20.81 20.03
CA ILE D 35 18.71 21.16 19.75
C ILE D 35 18.78 21.58 18.28
N THR D 36 19.18 22.82 18.04
CA THR D 36 19.24 23.27 16.64
C THR D 36 20.69 23.31 16.14
N ASP D 37 21.65 23.22 17.04
CA ASP D 37 23.06 23.17 16.69
C ASP D 37 23.88 22.55 17.81
N PHE D 38 24.79 21.62 17.46
CA PHE D 38 25.68 20.96 18.40
C PHE D 38 26.97 20.55 17.69
N GLN D 39 28.03 20.37 18.46
CA GLN D 39 29.28 19.81 17.95
C GLN D 39 29.73 18.67 18.85
N ILE D 40 30.54 17.78 18.29
CA ILE D 40 31.24 16.76 19.07
C ILE D 40 32.68 17.23 19.23
N LYS D 41 33.01 17.61 20.46
CA LYS D 41 34.37 18.03 20.79
C LYS D 41 34.85 17.21 21.98
N GLY D 42 35.44 16.06 21.68
CA GLY D 42 36.14 15.24 22.67
C GLY D 42 37.63 15.30 22.48
N SER D 43 38.36 14.50 23.26
CA SER D 43 39.82 14.56 23.24
C SER D 43 40.52 13.40 23.98
N PRO D 44 40.71 12.24 23.32
CA PRO D 44 40.00 11.63 22.19
C PRO D 44 39.13 10.44 22.65
N GLY D 45 39.47 9.89 23.82
CA GLY D 45 38.71 8.81 24.45
C GLY D 45 37.80 9.35 25.54
N THR D 46 37.72 10.68 25.60
CA THR D 46 36.77 11.39 26.44
C THR D 46 36.12 12.50 25.62
N SER D 47 35.14 12.12 24.81
CA SER D 47 34.41 13.07 23.98
C SER D 47 33.21 13.66 24.71
N GLU D 48 32.69 14.75 24.16
CA GLU D 48 31.59 15.49 24.75
C GLU D 48 30.65 15.98 23.64
N ILE D 49 29.37 16.16 23.97
CA ILE D 49 28.43 16.79 23.05
C ILE D 49 28.32 18.23 23.47
N GLU D 50 28.82 19.15 22.64
CA GLU D 50 28.70 20.55 22.95
C GLU D 50 27.46 21.09 22.26
N ILE D 51 26.39 21.28 23.03
CA ILE D 51 25.20 21.90 22.48
C ILE D 51 25.53 23.35 22.26
N GLY D 52 25.31 23.84 21.04
CA GLY D 52 25.63 25.21 20.68
C GLY D 52 24.43 26.12 20.55
N SER D 53 23.29 25.55 20.16
CA SER D 53 22.04 26.30 20.03
C SER D 53 20.89 25.33 20.36
N TYR D 54 19.95 25.80 21.18
CA TYR D 54 18.89 24.95 21.70
C TYR D 54 17.73 25.80 22.20
N ASP D 55 16.64 25.15 22.61
CA ASP D 55 15.55 25.83 23.26
C ASP D 55 14.78 24.80 24.07
N THR D 56 14.03 25.25 25.05
CA THR D 56 13.28 24.36 25.96
C THR D 56 11.94 24.99 26.31
N THR D 57 10.98 24.16 26.76
CA THR D 57 9.62 24.62 27.02
C THR D 57 9.57 25.58 28.22
N PHE D 58 10.68 25.65 28.95
CA PHE D 58 10.73 26.54 30.12
C PHE D 58 11.05 27.99 29.78
N ASN D 59 11.54 28.20 28.56
CA ASN D 59 11.92 29.53 28.08
C ASN D 59 10.76 30.25 27.40
N TRP D 60 9.61 29.58 27.37
CA TRP D 60 8.43 30.04 26.63
C TRP D 60 7.17 29.77 27.41
N ASP D 61 6.17 30.62 27.21
CA ASP D 61 4.82 30.32 27.63
C ASP D 61 4.23 29.22 26.74
N GLU D 62 4.26 29.45 25.42
CA GLU D 62 3.89 28.45 24.43
C GLU D 62 5.15 28.15 23.62
N PHE D 63 5.68 26.95 23.78
CA PHE D 63 6.83 26.52 23.01
C PHE D 63 6.42 26.67 21.54
N PRO D 64 7.13 27.52 20.77
CA PRO D 64 6.71 27.89 19.43
C PRO D 64 7.27 26.99 18.30
N TYR D 65 7.49 25.71 18.57
CA TYR D 65 8.04 24.84 17.55
C TYR D 65 7.07 23.72 17.15
N VAL D 66 6.98 23.47 15.84
CA VAL D 66 6.15 22.35 15.34
C VAL D 66 7.10 21.43 14.57
N ILE D 67 7.20 20.17 14.98
CA ILE D 67 8.18 19.26 14.40
C ILE D 67 7.57 18.46 13.25
N MSE D 68 8.36 18.28 12.19
CA MSE D 68 7.96 17.47 11.02
C MSE D 68 9.11 16.58 10.63
O MSE D 68 10.26 17.02 10.65
CB MSE D 68 7.56 18.36 9.82
CG MSE D 68 6.23 19.06 9.97
SE MSE D 68 6.32 20.66 8.85
CE MSE D 68 6.88 21.90 10.28
N GLN D 69 8.82 15.30 10.35
CA GLN D 69 9.85 14.33 10.04
C GLN D 69 9.98 14.12 8.51
N SER D 70 11.21 13.87 8.07
CA SER D 70 11.46 13.59 6.68
C SER D 70 10.93 12.19 6.33
N THR D 71 10.33 12.09 5.16
CA THR D 71 9.93 10.79 4.58
C THR D 71 11.11 10.03 4.01
N GLY D 72 12.26 10.68 3.87
CA GLY D 72 13.41 10.03 3.26
C GLY D 72 13.34 9.99 1.72
N LEU D 73 12.28 10.53 1.15
CA LEU D 73 12.12 10.50 -0.31
C LEU D 73 12.35 11.88 -0.84
N LYS D 74 12.69 11.98 -2.14
CA LYS D 74 12.96 13.30 -2.75
C LYS D 74 11.97 13.55 -3.88
N ASP D 75 11.68 14.83 -4.14
CA ASP D 75 10.85 15.21 -5.27
C ASP D 75 11.68 15.22 -6.59
N LYS D 76 11.02 15.57 -7.68
CA LYS D 76 11.68 15.53 -8.99
C LYS D 76 12.90 16.49 -9.07
N ASN D 77 12.93 17.53 -8.24
CA ASN D 77 14.09 18.45 -8.19
C ASN D 77 15.11 18.12 -7.11
N GLY D 78 15.02 16.91 -6.56
CA GLY D 78 15.91 16.47 -5.50
C GLY D 78 15.65 17.04 -4.12
N VAL D 79 14.48 17.66 -3.90
CA VAL D 79 14.17 18.28 -2.61
C VAL D 79 13.64 17.22 -1.64
N GLU D 80 14.24 17.09 -0.46
CA GLU D 80 13.76 16.08 0.51
C GLU D 80 12.33 16.43 1.00
N ILE D 81 11.45 15.41 1.00
CA ILE D 81 9.99 15.57 1.26
C ILE D 81 9.74 15.23 2.74
N PHE D 82 9.11 16.18 3.43
CA PHE D 82 8.76 16.06 4.84
C PHE D 82 7.23 16.04 5.02
N GLU D 83 6.79 15.54 6.18
CA GLU D 83 5.43 15.78 6.66
C GLU D 83 5.08 17.26 6.50
N GLY D 84 3.90 17.53 5.99
CA GLY D 84 3.38 18.89 5.90
C GLY D 84 3.70 19.54 4.55
N ASP D 85 4.62 18.95 3.78
CA ASP D 85 4.82 19.45 2.40
C ASP D 85 3.59 19.33 1.50
N ILE D 86 3.53 20.18 0.49
CA ILE D 86 2.42 20.17 -0.47
C ILE D 86 3.05 19.95 -1.83
N LEU D 87 2.61 18.88 -2.50
CA LEU D 87 3.19 18.50 -3.81
C LEU D 87 2.20 18.66 -4.96
N VAL D 88 2.73 18.97 -6.16
CA VAL D 88 1.95 18.97 -7.38
C VAL D 88 2.60 18.14 -8.48
N TYR D 89 1.81 17.60 -9.38
CA TYR D 89 2.35 16.95 -10.58
C TYR D 89 2.76 18.00 -11.59
N ASP D 90 4.01 17.88 -12.05
CA ASP D 90 4.67 18.92 -12.83
C ASP D 90 4.47 18.77 -14.34
N ALA D 91 3.23 18.56 -14.76
CA ALA D 91 2.92 18.55 -16.19
C ALA D 91 3.11 20.00 -16.68
N PRO D 92 3.43 20.19 -17.97
CA PRO D 92 3.58 21.57 -18.43
C PRO D 92 2.34 22.41 -18.12
N LYS D 93 2.53 23.69 -17.81
CA LYS D 93 1.38 24.58 -17.65
C LYS D 93 0.65 24.67 -18.99
N LYS D 94 -0.42 23.91 -19.15
CA LYS D 94 -1.27 24.03 -20.33
C LYS D 94 -2.23 25.17 -20.01
N TYR D 95 -2.11 26.26 -20.75
CA TYR D 95 -2.57 27.57 -20.27
C TYR D 95 -3.82 27.52 -19.38
N ALA D 96 -3.66 28.09 -18.20
CA ALA D 96 -4.78 28.47 -17.34
C ALA D 96 -5.59 27.33 -16.74
N HIS D 97 -4.89 26.44 -16.03
CA HIS D 97 -5.50 25.56 -15.03
C HIS D 97 -4.51 25.19 -13.93
N ARG D 98 -5.01 25.20 -12.69
CA ARG D 98 -4.19 24.97 -11.50
C ARG D 98 -3.86 23.50 -11.36
N ARG D 99 -2.66 23.24 -10.87
CA ARG D 99 -2.31 21.83 -10.59
C ARG D 99 -2.96 21.41 -9.28
N SER D 100 -3.53 20.20 -9.22
CA SER D 100 -4.09 19.76 -7.94
C SER D 100 -2.94 19.58 -6.93
N MSE D 101 -3.21 19.93 -5.67
CA MSE D 101 -2.26 19.90 -4.56
C MSE D 101 -2.49 18.72 -3.61
O MSE D 101 -3.65 18.34 -3.37
CB MSE D 101 -2.34 21.22 -3.79
CG MSE D 101 -1.91 22.38 -4.67
SE MSE D 101 -2.12 24.07 -3.66
CE MSE D 101 -4.09 24.26 -3.90
N HIS D 102 -1.39 18.21 -3.02
CA HIS D 102 -1.44 16.99 -2.22
C HIS D 102 -0.52 17.10 -1.05
N GLU D 103 -1.09 17.16 0.16
CA GLU D 103 -0.34 17.32 1.39
C GLU D 103 0.23 15.97 1.81
N ILE D 104 1.44 15.99 2.37
CA ILE D 104 2.08 14.79 2.93
C ILE D 104 1.82 14.62 4.42
N ALA D 105 1.39 13.41 4.80
CA ALA D 105 1.15 13.12 6.20
C ALA D 105 1.64 11.72 6.52
N TYR D 106 1.69 11.39 7.81
CA TYR D 106 1.96 10.02 8.24
C TYR D 106 0.72 9.53 8.98
N ALA D 107 0.32 8.29 8.75
CA ALA D 107 -0.71 7.70 9.64
C ALA D 107 -0.70 6.22 9.39
N ASP D 108 -0.89 5.51 10.49
CA ASP D 108 -1.20 4.09 10.42
C ASP D 108 -0.17 3.28 9.63
N GLY D 109 1.12 3.61 9.84
CA GLY D 109 2.19 2.82 9.27
C GLY D 109 2.88 3.35 8.01
N ARG D 110 2.34 4.43 7.44
CA ARG D 110 2.91 4.93 6.18
C ARG D 110 2.83 6.44 6.10
N PHE D 111 3.80 7.00 5.38
CA PHE D 111 3.66 8.34 4.82
C PHE D 111 2.81 8.24 3.58
N PHE D 112 1.98 9.25 3.36
CA PHE D 112 1.13 9.29 2.17
C PHE D 112 0.85 10.70 1.73
N TRP D 113 0.39 10.82 0.49
CA TRP D 113 -0.06 12.10 -0.05
C TRP D 113 -1.59 12.05 -0.11
N GLU D 114 -2.20 13.16 0.29
CA GLU D 114 -3.64 13.23 0.33
C GLU D 114 -4.28 13.44 -1.02
N PHE D 115 -5.46 12.82 -1.20
CA PHE D 115 -6.27 12.99 -2.39
C PHE D 115 -5.62 12.46 -3.65
N LEU D 116 -4.91 11.34 -3.54
CA LEU D 116 -4.30 10.81 -4.73
C LEU D 116 -4.42 9.28 -4.88
N ASP D 117 -4.79 8.82 -6.07
CA ASP D 117 -4.91 7.38 -6.39
C ASP D 117 -3.60 6.58 -6.27
N LEU D 118 -2.44 7.22 -6.30
CA LEU D 118 -1.15 6.50 -6.38
C LEU D 118 -0.55 6.18 -5.02
N VAL D 119 0.21 5.09 -4.96
CA VAL D 119 1.01 4.74 -3.79
C VAL D 119 2.15 5.76 -3.63
N PHE D 120 2.29 6.35 -2.45
CA PHE D 120 3.37 7.32 -2.24
C PHE D 120 4.65 6.54 -2.10
N CYS D 121 5.52 6.61 -3.14
CA CYS D 121 6.81 5.89 -3.05
C CYS D 121 7.72 6.63 -4.04
N GLN D 122 9.01 6.36 -3.95
CA GLN D 122 9.97 7.17 -4.74
C GLN D 122 9.66 7.12 -6.25
N SER D 123 9.39 5.93 -6.79
CA SER D 123 9.18 5.82 -8.23
C SER D 123 7.96 6.59 -8.72
N ASN D 124 6.87 6.57 -7.92
CA ASN D 124 5.71 7.36 -8.28
C ASN D 124 5.96 8.86 -8.24
N ILE D 125 6.74 9.29 -7.26
CA ILE D 125 7.13 10.72 -7.18
C ILE D 125 7.84 11.16 -8.48
N LEU D 126 8.68 10.28 -9.03
CA LEU D 126 9.54 10.67 -10.15
C LEU D 126 8.99 10.35 -11.52
N TYR D 127 7.91 9.56 -11.56
CA TYR D 127 7.42 8.98 -12.80
C TYR D 127 6.95 10.08 -13.78
N ARG D 128 7.34 9.92 -15.02
CA ARG D 128 7.00 10.88 -16.09
C ARG D 128 7.40 12.29 -15.71
N ASP D 129 6.46 13.25 -15.63
CA ASP D 129 6.80 14.64 -15.32
C ASP D 129 7.23 14.82 -13.86
N GLY D 130 6.81 13.90 -12.99
CA GLY D 130 7.23 13.90 -11.59
C GLY D 130 6.45 14.93 -10.77
N TYR D 131 6.61 14.82 -9.46
CA TYR D 131 5.95 15.69 -8.48
C TYR D 131 6.96 16.65 -7.92
N LEU D 132 6.51 17.88 -7.63
CA LEU D 132 7.39 18.84 -6.93
C LEU D 132 6.74 19.38 -5.70
N VAL D 133 7.57 19.62 -4.66
CA VAL D 133 7.16 20.36 -3.46
C VAL D 133 7.00 21.82 -3.84
N ILE D 134 5.85 22.39 -3.51
CA ILE D 134 5.62 23.80 -3.83
C ILE D 134 5.46 24.65 -2.57
N GLY D 135 5.53 24.02 -1.40
CA GLY D 135 5.29 24.74 -0.15
C GLY D 135 4.93 23.75 0.94
N ASN D 136 4.55 24.27 2.11
CA ASN D 136 4.09 23.41 3.18
C ASN D 136 2.96 24.11 3.97
N ILE D 137 2.27 23.35 4.79
CA ILE D 137 1.08 23.84 5.48
C ILE D 137 1.32 24.94 6.48
N HIS D 138 2.58 25.13 6.90
CA HIS D 138 2.93 26.17 7.90
C HIS D 138 3.38 27.47 7.28
N GLU D 139 4.37 27.40 6.39
CA GLU D 139 4.82 28.55 5.62
C GLU D 139 3.76 29.07 4.70
N ASN D 140 2.87 28.18 4.27
CA ASN D 140 1.93 28.54 3.22
C ASN D 140 0.53 28.16 3.69
N PRO D 141 0.08 28.78 4.80
CA PRO D 141 -1.12 28.25 5.45
C PRO D 141 -2.37 28.39 4.59
N GLU D 142 -2.32 29.22 3.57
CA GLU D 142 -3.52 29.49 2.79
C GLU D 142 -3.41 28.89 1.39
N LEU D 143 -2.37 28.09 1.18
CA LEU D 143 -2.10 27.46 -0.11
C LEU D 143 -3.14 26.42 -0.47
N LEU D 144 -3.51 25.59 0.51
CA LEU D 144 -4.49 24.53 0.29
C LEU D 144 -5.92 25.05 0.21
#